data_1OEC
#
_entry.id   1OEC
#
_cell.length_a   69.760
_cell.length_b   80.500
_cell.length_c   120.170
_cell.angle_alpha   90.00
_cell.angle_beta   90.00
_cell.angle_gamma   90.00
#
_symmetry.space_group_name_H-M   'I 2 2 2'
#
loop_
_entity.id
_entity.type
_entity.pdbx_description
1 polymer 'FIBROBLAST GROWTH FACTOR RECEPTOR 2'
2 non-polymer 'SULFATE ION'
3 non-polymer '4-ARYL-2-PHENYLAMINO PYRIMIDINE'
4 water water
#
_entity_poly.entity_id   1
_entity_poly.type   'polypeptide(L)'
_entity_poly.pdbx_seq_one_letter_code
;GAMDTPMLAGVSEYELPEDPKWEFPRDKLTLGKPLGEGCFGQVVMAEAVGIDKDKPKEAVTVAVKMLKDDATEKDLSDLV
SEMEMMKMIGKHKNIINLLGACTQDGPLYVIVEYASKGNLREYLRARRPPGMEYSYDINRVPEEQMTFKDLVSCTYQLAR
GMEYLASQKCIHRDLAARNVLVTENNVMKIADFGLARDINNIDYYKKTTNGRLPVKWMAPEALFDRVYTHQSDVWSFGVL
MWEIFTLGGSPYPGIPVEELFKLLKEGHRMDKPANCTNELYMMMRDCWHAVPSQRPTFKQLVEDLDRILTLTTNEE
;
_entity_poly.pdbx_strand_id   A
#
# COMPACT_ATOMS: atom_id res chain seq x y z
N GLU A 15 -26.33 9.96 6.77
CA GLU A 15 -26.44 9.51 5.35
C GLU A 15 -25.97 8.07 5.10
N LEU A 16 -24.82 7.72 5.65
CA LEU A 16 -24.25 6.38 5.46
C LEU A 16 -25.13 5.26 5.96
N PRO A 17 -25.26 4.18 5.17
CA PRO A 17 -26.09 3.06 5.59
C PRO A 17 -25.48 2.38 6.82
N GLU A 18 -26.08 1.27 7.24
CA GLU A 18 -25.60 0.57 8.41
C GLU A 18 -25.01 -0.81 8.12
N ASP A 19 -24.13 -1.25 9.01
CA ASP A 19 -23.50 -2.56 8.90
C ASP A 19 -23.26 -3.04 10.32
N PRO A 20 -24.16 -3.89 10.84
CA PRO A 20 -24.10 -4.47 12.18
C PRO A 20 -22.82 -5.20 12.55
N LYS A 21 -22.37 -6.10 11.67
CA LYS A 21 -21.15 -6.86 11.92
C LYS A 21 -19.87 -6.05 12.11
N TRP A 22 -19.87 -4.82 11.59
CA TRP A 22 -18.69 -3.97 11.71
C TRP A 22 -18.85 -2.73 12.58
N GLU A 23 -20.08 -2.44 13.01
CA GLU A 23 -20.34 -1.27 13.85
C GLU A 23 -19.71 -1.36 15.24
N PHE A 24 -19.18 -0.24 15.71
CA PHE A 24 -18.51 -0.18 17.00
C PHE A 24 -18.92 1.06 17.79
N PRO A 25 -19.44 0.86 19.03
CA PRO A 25 -19.90 1.92 19.94
C PRO A 25 -18.88 3.03 20.20
N ARG A 26 -19.31 4.28 20.02
CA ARG A 26 -18.47 5.45 20.17
C ARG A 26 -17.94 5.71 21.59
N ASP A 27 -18.67 5.26 22.59
CA ASP A 27 -18.26 5.44 23.98
C ASP A 27 -17.08 4.54 24.37
N LYS A 28 -16.84 3.47 23.60
CA LYS A 28 -15.75 2.54 23.88
C LYS A 28 -14.45 2.91 23.16
N LEU A 29 -14.42 4.12 22.61
CA LEU A 29 -13.25 4.63 21.88
C LEU A 29 -12.73 5.94 22.48
N THR A 30 -11.42 6.04 22.66
CA THR A 30 -10.82 7.24 23.23
C THR A 30 -9.70 7.76 22.34
N LEU A 31 -9.99 8.81 21.58
CA LEU A 31 -9.01 9.39 20.66
C LEU A 31 -7.79 9.98 21.40
N GLY A 32 -6.66 10.07 20.69
CA GLY A 32 -5.47 10.61 21.30
C GLY A 32 -4.50 11.30 20.35
N LYS A 33 -3.23 10.91 20.44
CA LYS A 33 -2.14 11.47 19.65
C LYS A 33 -2.32 11.28 18.14
N PRO A 34 -2.24 12.39 17.38
CA PRO A 34 -2.38 12.34 15.92
C PRO A 34 -1.14 11.70 15.27
N LEU A 35 -1.37 10.61 14.55
CA LEU A 35 -0.28 9.90 13.87
C LEU A 35 0.23 10.63 12.63
N GLY A 36 -0.61 11.49 12.05
CA GLY A 36 -0.21 12.24 10.87
C GLY A 36 -1.35 12.57 9.93
N GLU A 37 -1.22 13.68 9.22
CA GLU A 37 -2.25 14.12 8.27
C GLU A 37 -2.07 13.44 6.92
N GLY A 38 -3.18 13.15 6.24
CA GLY A 38 -3.13 12.49 4.95
C GLY A 38 -3.62 13.32 3.77
N CYS A 39 -3.99 12.65 2.69
CA CYS A 39 -4.46 13.33 1.50
C CYS A 39 -5.95 13.61 1.53
N PHE A 40 -6.69 12.77 2.26
CA PHE A 40 -8.14 12.92 2.36
C PHE A 40 -8.63 12.75 3.80
N GLY A 41 -7.86 13.26 4.74
CA GLY A 41 -8.23 13.16 6.14
C GLY A 41 -7.00 13.07 7.04
N GLN A 42 -7.13 12.36 8.15
CA GLN A 42 -6.03 12.19 9.09
C GLN A 42 -6.24 10.96 9.95
N VAL A 43 -5.16 10.47 10.54
CA VAL A 43 -5.19 9.30 11.41
C VAL A 43 -4.66 9.64 12.80
N VAL A 44 -5.35 9.17 13.83
CA VAL A 44 -4.90 9.43 15.20
C VAL A 44 -4.87 8.14 15.99
N MET A 45 -4.00 8.10 17.00
CA MET A 45 -3.86 6.94 17.87
C MET A 45 -5.08 6.92 18.78
N ALA A 46 -5.56 5.72 19.10
CA ALA A 46 -6.72 5.60 19.97
C ALA A 46 -6.66 4.33 20.81
N GLU A 47 -7.69 4.14 21.64
CA GLU A 47 -7.81 2.97 22.49
C GLU A 47 -9.25 2.50 22.38
N ALA A 48 -9.41 1.22 22.10
CA ALA A 48 -10.75 0.66 21.94
C ALA A 48 -10.98 -0.57 22.81
N VAL A 49 -12.13 -0.62 23.46
CA VAL A 49 -12.51 -1.73 24.33
C VAL A 49 -13.43 -2.67 23.56
N GLY A 50 -12.85 -3.71 22.96
CA GLY A 50 -13.64 -4.65 22.19
C GLY A 50 -12.85 -5.49 21.21
N ILE A 51 -12.48 -6.68 21.64
CA ILE A 51 -11.74 -7.62 20.82
C ILE A 51 -12.55 -8.91 20.81
N LYS A 55 -11.93 -13.19 22.12
CA LYS A 55 -12.78 -12.02 22.49
C LYS A 55 -12.64 -11.63 23.97
N PRO A 56 -11.53 -10.95 24.33
CA PRO A 56 -11.21 -10.50 25.69
C PRO A 56 -12.02 -9.35 26.30
N LYS A 57 -12.38 -8.36 25.49
CA LYS A 57 -13.13 -7.18 25.97
C LYS A 57 -12.25 -6.30 26.87
N GLU A 58 -11.06 -5.97 26.38
CA GLU A 58 -10.09 -5.13 27.09
C GLU A 58 -9.52 -4.08 26.11
N ALA A 59 -8.86 -3.05 26.67
CA ALA A 59 -8.30 -1.96 25.88
C ALA A 59 -7.06 -2.23 25.02
N VAL A 60 -7.28 -2.30 23.71
CA VAL A 60 -6.22 -2.54 22.72
C VAL A 60 -6.04 -1.28 21.86
N THR A 61 -4.78 -0.89 21.64
CA THR A 61 -4.45 0.27 20.83
C THR A 61 -4.76 0.05 19.35
N VAL A 62 -5.39 1.05 18.75
CA VAL A 62 -5.79 1.01 17.34
C VAL A 62 -5.52 2.37 16.69
N ALA A 63 -5.76 2.45 15.39
CA ALA A 63 -5.59 3.69 14.65
C ALA A 63 -6.95 4.06 14.04
N VAL A 64 -7.30 5.33 14.16
CA VAL A 64 -8.57 5.81 13.64
C VAL A 64 -8.41 6.83 12.53
N LYS A 65 -8.90 6.46 11.35
CA LYS A 65 -8.85 7.34 10.18
C LYS A 65 -10.16 8.13 10.16
N MET A 66 -10.06 9.45 10.03
CA MET A 66 -11.23 10.32 10.02
C MET A 66 -11.03 11.56 9.15
N LEU A 67 -12.12 12.28 8.92
CA LEU A 67 -12.06 13.49 8.11
C LEU A 67 -11.63 14.71 8.93
N LYS A 68 -11.29 15.79 8.23
CA LYS A 68 -10.88 17.04 8.86
C LYS A 68 -12.02 18.02 8.62
N ASP A 69 -11.85 19.26 9.06
CA ASP A 69 -12.90 20.26 8.88
C ASP A 69 -13.08 20.68 7.44
N ASP A 70 -11.99 20.70 6.68
CA ASP A 70 -12.05 21.13 5.29
C ASP A 70 -12.31 19.99 4.31
N ALA A 71 -12.78 18.86 4.81
CA ALA A 71 -13.04 17.71 3.96
C ALA A 71 -13.92 18.04 2.74
N THR A 72 -13.62 17.36 1.63
CA THR A 72 -14.36 17.52 0.38
C THR A 72 -15.19 16.25 0.20
N GLU A 73 -16.07 16.25 -0.78
CA GLU A 73 -16.88 15.07 -1.05
C GLU A 73 -16.01 13.93 -1.55
N LYS A 74 -14.90 14.27 -2.22
CA LYS A 74 -13.99 13.25 -2.71
C LYS A 74 -13.33 12.60 -1.51
N ASP A 75 -12.90 13.42 -0.55
CA ASP A 75 -12.26 12.92 0.67
C ASP A 75 -13.22 11.94 1.34
N LEU A 76 -14.48 12.35 1.44
CA LEU A 76 -15.52 11.56 2.05
C LEU A 76 -15.69 10.23 1.32
N SER A 77 -15.87 10.30 0.00
CA SER A 77 -16.04 9.11 -0.82
C SER A 77 -14.82 8.15 -0.80
N ASP A 78 -13.62 8.71 -0.67
CA ASP A 78 -12.38 7.91 -0.62
C ASP A 78 -12.31 7.07 0.64
N LEU A 79 -12.55 7.73 1.79
CA LEU A 79 -12.52 7.06 3.09
C LEU A 79 -13.56 5.95 3.19
N VAL A 80 -14.76 6.21 2.67
CA VAL A 80 -15.83 5.21 2.67
C VAL A 80 -15.41 4.04 1.78
N SER A 81 -14.81 4.37 0.63
CA SER A 81 -14.33 3.39 -0.33
C SER A 81 -13.28 2.49 0.32
N GLU A 82 -12.38 3.10 1.08
CA GLU A 82 -11.33 2.36 1.77
C GLU A 82 -11.92 1.36 2.77
N MET A 83 -12.95 1.79 3.49
CA MET A 83 -13.64 0.94 4.47
C MET A 83 -14.31 -0.24 3.77
N GLU A 84 -14.96 0.04 2.65
CA GLU A 84 -15.63 -1.00 1.88
C GLU A 84 -14.67 -1.97 1.20
N MET A 85 -13.47 -1.49 0.85
CA MET A 85 -12.48 -2.34 0.22
C MET A 85 -11.89 -3.33 1.22
N MET A 86 -11.57 -2.83 2.42
CA MET A 86 -10.99 -3.67 3.46
C MET A 86 -11.88 -4.81 3.92
N LYS A 87 -13.17 -4.70 3.62
CA LYS A 87 -14.15 -5.71 3.98
C LYS A 87 -14.17 -6.85 2.99
N MET A 88 -14.05 -6.54 1.70
CA MET A 88 -14.06 -7.57 0.68
C MET A 88 -12.71 -8.27 0.56
N ILE A 89 -11.64 -7.55 0.89
CA ILE A 89 -10.28 -8.09 0.81
C ILE A 89 -10.15 -9.25 1.78
N GLY A 90 -10.47 -9.00 3.05
CA GLY A 90 -10.40 -10.06 4.02
C GLY A 90 -9.26 -9.96 5.01
N LYS A 91 -9.01 -11.09 5.68
CA LYS A 91 -7.98 -11.19 6.70
C LYS A 91 -6.64 -11.70 6.18
N HIS A 92 -5.60 -10.88 6.35
CA HIS A 92 -4.25 -11.23 5.96
C HIS A 92 -3.24 -10.50 6.83
N LYS A 93 -2.15 -11.20 7.13
CA LYS A 93 -1.11 -10.66 7.99
C LYS A 93 -0.22 -9.59 7.35
N ASN A 94 -0.11 -9.59 6.03
CA ASN A 94 0.71 -8.59 5.37
C ASN A 94 -0.03 -7.35 4.89
N ILE A 95 -1.22 -7.17 5.43
CA ILE A 95 -2.06 -6.01 5.13
C ILE A 95 -2.71 -5.59 6.44
N ILE A 96 -2.92 -4.28 6.59
CA ILE A 96 -3.55 -3.75 7.79
C ILE A 96 -5.04 -4.10 7.79
N ASN A 97 -5.46 -4.80 8.85
CA ASN A 97 -6.85 -5.23 8.97
C ASN A 97 -7.80 -4.21 9.57
N LEU A 98 -9.02 -4.24 9.05
CA LEU A 98 -10.09 -3.37 9.50
C LEU A 98 -10.67 -3.99 10.77
N LEU A 99 -10.63 -3.25 11.86
CA LEU A 99 -11.15 -3.74 13.15
C LEU A 99 -12.62 -3.37 13.40
N GLY A 100 -12.97 -2.10 13.19
CA GLY A 100 -14.34 -1.64 13.39
C GLY A 100 -14.59 -0.30 12.75
N ALA A 101 -15.82 0.20 12.86
CA ALA A 101 -16.19 1.49 12.26
C ALA A 101 -17.42 2.15 12.88
N CYS A 102 -17.33 3.47 13.08
CA CYS A 102 -18.42 4.27 13.62
C CYS A 102 -19.03 5.09 12.49
N THR A 103 -20.15 4.58 11.94
CA THR A 103 -20.84 5.25 10.84
C THR A 103 -22.15 5.90 11.28
N GLN A 104 -22.95 5.14 12.03
CA GLN A 104 -24.25 5.58 12.51
C GLN A 104 -24.20 6.79 13.45
N ASP A 105 -25.03 7.78 13.16
CA ASP A 105 -25.16 9.02 13.94
C ASP A 105 -23.86 9.63 14.48
N GLY A 106 -23.17 10.38 13.62
CA GLY A 106 -21.92 11.01 14.03
C GLY A 106 -20.84 10.99 12.95
N PRO A 107 -19.65 11.54 13.24
CA PRO A 107 -18.53 11.57 12.28
C PRO A 107 -18.00 10.18 11.94
N LEU A 108 -17.73 9.95 10.67
CA LEU A 108 -17.22 8.66 10.22
C LEU A 108 -15.84 8.38 10.81
N TYR A 109 -15.69 7.18 11.35
CA TYR A 109 -14.44 6.73 11.97
C TYR A 109 -14.09 5.37 11.40
N VAL A 110 -12.90 5.24 10.82
CA VAL A 110 -12.50 3.93 10.30
C VAL A 110 -11.42 3.39 11.22
N ILE A 111 -11.76 2.32 11.94
CA ILE A 111 -10.86 1.70 12.91
C ILE A 111 -10.07 0.53 12.32
N VAL A 112 -8.76 0.75 12.20
CA VAL A 112 -7.84 -0.24 11.65
C VAL A 112 -6.75 -0.49 12.69
N GLU A 113 -5.95 -1.54 12.48
CA GLU A 113 -4.91 -1.86 13.44
C GLU A 113 -3.76 -0.85 13.48
N TYR A 114 -3.09 -0.79 14.62
CA TYR A 114 -1.99 0.14 14.86
C TYR A 114 -0.60 -0.44 14.51
N ALA A 115 0.23 0.39 13.87
CA ALA A 115 1.59 0.01 13.47
C ALA A 115 2.54 0.93 14.21
N SER A 116 3.23 0.38 15.21
CA SER A 116 4.16 1.12 16.06
C SER A 116 5.42 1.75 15.45
N LYS A 117 6.04 1.09 14.46
CA LYS A 117 7.26 1.61 13.84
C LYS A 117 7.03 2.74 12.83
N GLY A 118 5.86 2.75 12.19
CA GLY A 118 5.56 3.80 11.23
C GLY A 118 5.56 3.30 9.79
N ASN A 119 5.83 4.19 8.85
CA ASN A 119 5.86 3.81 7.43
C ASN A 119 7.23 3.35 6.95
N LEU A 120 7.23 2.36 6.07
CA LEU A 120 8.44 1.78 5.49
C LEU A 120 9.49 2.79 5.03
N ARG A 121 9.06 3.84 4.34
CA ARG A 121 10.00 4.85 3.87
C ARG A 121 10.77 5.48 5.01
N GLU A 122 10.06 6.14 5.93
CA GLU A 122 10.68 6.79 7.08
C GLU A 122 11.47 5.81 7.93
N TYR A 123 10.94 4.60 8.06
CA TYR A 123 11.57 3.53 8.81
C TYR A 123 12.95 3.27 8.24
N LEU A 124 13.00 2.91 6.97
CA LEU A 124 14.26 2.61 6.27
C LEU A 124 15.28 3.75 6.29
N ARG A 125 14.85 4.97 6.00
CA ARG A 125 15.75 6.11 5.98
C ARG A 125 16.44 6.36 7.33
N ALA A 126 15.85 5.82 8.38
CA ALA A 126 16.39 5.96 9.72
C ALA A 126 17.66 5.12 9.86
N ARG A 127 17.50 3.79 9.81
CA ARG A 127 18.62 2.88 9.94
C ARG A 127 19.50 2.67 8.70
N ARG A 128 20.28 3.69 8.36
CA ARG A 128 21.17 3.65 7.21
C ARG A 128 22.61 4.03 7.55
N GLU A 144 18.86 0.20 15.52
CA GLU A 144 20.29 -0.13 15.20
C GLU A 144 20.47 -0.38 13.70
N GLN A 145 21.65 -0.90 13.33
CA GLN A 145 21.94 -1.18 11.94
C GLN A 145 21.13 -2.33 11.36
N MET A 146 20.72 -2.18 10.10
CA MET A 146 19.93 -3.20 9.41
C MET A 146 20.77 -4.00 8.39
N THR A 147 20.40 -5.25 8.17
CA THR A 147 21.13 -6.12 7.23
C THR A 147 20.45 -6.35 5.89
N PHE A 148 21.18 -6.95 4.96
CA PHE A 148 20.66 -7.26 3.63
C PHE A 148 19.63 -8.38 3.71
N LYS A 149 19.88 -9.34 4.60
CA LYS A 149 18.97 -10.47 4.82
C LYS A 149 17.57 -9.98 5.16
N ASP A 150 17.52 -8.84 5.88
CA ASP A 150 16.27 -8.21 6.29
C ASP A 150 15.51 -7.67 5.09
N LEU A 151 16.22 -6.95 4.23
CA LEU A 151 15.65 -6.35 3.03
C LEU A 151 15.01 -7.36 2.10
N VAL A 152 15.57 -8.55 2.00
CA VAL A 152 14.99 -9.59 1.15
C VAL A 152 13.74 -10.13 1.84
N SER A 153 13.78 -10.23 3.17
CA SER A 153 12.65 -10.72 3.95
C SER A 153 11.51 -9.70 3.85
N CYS A 154 11.88 -8.44 4.02
CA CYS A 154 10.96 -7.31 3.93
C CYS A 154 10.23 -7.32 2.59
N THR A 155 10.99 -7.50 1.51
CA THR A 155 10.45 -7.54 0.15
C THR A 155 9.58 -8.77 -0.08
N TYR A 156 9.96 -9.88 0.53
CA TYR A 156 9.23 -11.14 0.40
C TYR A 156 7.84 -11.04 1.03
N GLN A 157 7.75 -10.41 2.21
CA GLN A 157 6.47 -10.25 2.88
C GLN A 157 5.53 -9.49 1.97
N LEU A 158 6.03 -8.37 1.45
CA LEU A 158 5.26 -7.52 0.54
C LEU A 158 4.80 -8.26 -0.70
N ALA A 159 5.62 -9.18 -1.19
CA ALA A 159 5.25 -9.96 -2.36
C ALA A 159 4.09 -10.87 -1.99
N ARG A 160 4.10 -11.38 -0.76
CA ARG A 160 3.05 -12.26 -0.26
C ARG A 160 1.73 -11.51 -0.13
N GLY A 161 1.79 -10.31 0.45
CA GLY A 161 0.60 -9.50 0.63
C GLY A 161 -0.07 -9.20 -0.70
N MET A 162 0.73 -8.75 -1.68
CA MET A 162 0.22 -8.43 -3.01
C MET A 162 -0.30 -9.64 -3.76
N GLU A 163 0.26 -10.81 -3.48
CA GLU A 163 -0.21 -12.02 -4.16
C GLU A 163 -1.65 -12.26 -3.71
N TYR A 164 -1.85 -12.18 -2.39
CA TYR A 164 -3.17 -12.37 -1.79
C TYR A 164 -4.16 -11.34 -2.34
N LEU A 165 -3.76 -10.08 -2.34
CA LEU A 165 -4.61 -9.01 -2.86
C LEU A 165 -5.08 -9.33 -4.26
N ALA A 166 -4.14 -9.70 -5.14
CA ALA A 166 -4.43 -10.03 -6.53
C ALA A 166 -5.40 -11.21 -6.63
N SER A 167 -5.31 -12.11 -5.65
CA SER A 167 -6.17 -13.29 -5.57
C SER A 167 -7.60 -12.88 -5.25
N GLN A 168 -7.71 -11.84 -4.43
CA GLN A 168 -9.00 -11.28 -4.05
C GLN A 168 -9.56 -10.37 -5.14
N LYS A 169 -8.82 -10.29 -6.26
CA LYS A 169 -9.19 -9.48 -7.41
C LYS A 169 -9.26 -7.98 -7.14
N CYS A 170 -8.30 -7.49 -6.34
CA CYS A 170 -8.23 -6.08 -6.00
C CYS A 170 -6.95 -5.46 -6.53
N ILE A 171 -7.06 -4.28 -7.14
CA ILE A 171 -5.89 -3.58 -7.64
C ILE A 171 -5.70 -2.41 -6.71
N HIS A 172 -4.52 -2.31 -6.12
CA HIS A 172 -4.20 -1.25 -5.17
C HIS A 172 -4.08 0.14 -5.80
N ARG A 173 -3.33 0.23 -6.90
CA ARG A 173 -3.12 1.50 -7.62
C ARG A 173 -2.28 2.56 -6.89
N ASP A 174 -1.79 2.26 -5.71
CA ASP A 174 -0.98 3.25 -5.00
C ASP A 174 0.08 2.58 -4.10
N LEU A 175 0.70 1.53 -4.63
CA LEU A 175 1.73 0.79 -3.90
C LEU A 175 3.01 1.62 -3.84
N ALA A 176 3.50 1.88 -2.63
CA ALA A 176 4.70 2.66 -2.40
C ALA A 176 5.23 2.42 -0.99
N ALA A 177 6.44 2.87 -0.70
CA ALA A 177 7.04 2.70 0.62
C ALA A 177 6.25 3.45 1.68
N ARG A 178 5.87 4.69 1.36
CA ARG A 178 5.11 5.53 2.28
C ARG A 178 3.77 4.88 2.65
N ASN A 179 3.28 3.98 1.79
CA ASN A 179 2.01 3.29 2.03
C ASN A 179 2.14 1.90 2.63
N VAL A 180 3.30 1.59 3.19
CA VAL A 180 3.52 0.29 3.83
C VAL A 180 3.91 0.57 5.27
N LEU A 181 3.16 0.01 6.20
CA LEU A 181 3.45 0.24 7.61
C LEU A 181 4.13 -0.97 8.22
N VAL A 182 4.90 -0.71 9.26
CA VAL A 182 5.61 -1.77 9.97
C VAL A 182 5.30 -1.73 11.47
N THR A 183 4.74 -2.84 11.96
CA THR A 183 4.37 -2.97 13.36
C THR A 183 5.56 -3.31 14.25
N GLU A 184 5.25 -3.60 15.52
CA GLU A 184 6.26 -4.01 16.49
C GLU A 184 6.57 -5.44 16.04
N ASN A 185 7.83 -5.85 16.19
CA ASN A 185 8.30 -7.18 15.78
C ASN A 185 8.57 -7.24 14.26
N ASN A 186 8.38 -6.10 13.59
CA ASN A 186 8.64 -5.94 12.17
C ASN A 186 7.86 -6.73 11.12
N VAL A 187 6.52 -6.63 11.15
CA VAL A 187 5.71 -7.30 10.15
C VAL A 187 5.37 -6.23 9.11
N MET A 188 5.52 -6.57 7.84
CA MET A 188 5.22 -5.63 6.75
C MET A 188 3.74 -5.64 6.43
N LYS A 189 3.12 -4.46 6.48
CA LYS A 189 1.69 -4.35 6.20
C LYS A 189 1.35 -3.29 5.18
N ILE A 190 0.67 -3.71 4.12
CA ILE A 190 0.24 -2.84 3.03
C ILE A 190 -1.00 -2.06 3.49
N ALA A 191 -0.94 -0.74 3.38
CA ALA A 191 -2.05 0.13 3.79
C ALA A 191 -2.57 1.07 2.71
N ASP A 192 -3.50 1.94 3.13
CA ASP A 192 -4.13 2.96 2.31
C ASP A 192 -4.84 2.48 1.03
N PHE A 193 -6.06 1.97 1.23
CA PHE A 193 -6.88 1.45 0.13
C PHE A 193 -7.91 2.43 -0.42
N GLY A 194 -7.67 3.73 -0.23
CA GLY A 194 -8.60 4.72 -0.73
C GLY A 194 -8.72 4.77 -2.24
N LEU A 195 -7.67 4.33 -2.93
CA LEU A 195 -7.65 4.32 -4.39
C LEU A 195 -7.81 2.95 -5.02
N ALA A 196 -7.88 1.92 -4.18
CA ALA A 196 -8.03 0.54 -4.63
C ALA A 196 -9.38 0.30 -5.32
N ARG A 197 -9.44 -0.73 -6.16
CA ARG A 197 -10.66 -1.05 -6.89
C ARG A 197 -11.02 -2.53 -6.89
N ASP A 198 -12.30 -2.82 -7.10
CA ASP A 198 -12.81 -4.17 -7.16
C ASP A 198 -12.86 -4.61 -8.62
N ILE A 199 -12.01 -5.57 -8.98
CA ILE A 199 -11.89 -6.08 -10.35
C ILE A 199 -12.57 -7.44 -10.56
N ASN A 200 -13.35 -7.88 -9.57
CA ASN A 200 -14.06 -9.16 -9.63
C ASN A 200 -14.84 -9.43 -10.91
N ASN A 201 -15.69 -8.49 -11.30
CA ASN A 201 -16.50 -8.65 -12.51
C ASN A 201 -16.22 -7.58 -13.55
N ILE A 202 -15.74 -6.42 -13.10
CA ILE A 202 -15.45 -5.28 -13.98
C ILE A 202 -13.98 -4.85 -13.90
N ASP A 203 -13.37 -4.59 -15.04
CA ASP A 203 -11.96 -4.18 -15.09
C ASP A 203 -11.70 -2.71 -15.44
N TYR A 204 -12.74 -1.99 -15.87
CA TYR A 204 -12.66 -0.58 -16.22
C TYR A 204 -11.79 -0.28 -17.45
N TYR A 205 -11.89 -1.15 -18.45
CA TYR A 205 -11.12 -1.01 -19.69
C TYR A 205 -11.45 0.31 -20.40
N LYS A 206 -10.44 1.17 -20.52
CA LYS A 206 -10.56 2.49 -21.15
C LYS A 206 -11.36 3.49 -20.34
N LYS A 207 -11.56 3.20 -19.05
CA LYS A 207 -12.30 4.08 -18.14
C LYS A 207 -11.42 4.69 -17.09
N THR A 208 -10.38 3.97 -16.68
CA THR A 208 -9.46 4.46 -15.65
C THR A 208 -8.47 5.42 -16.25
N THR A 209 -8.68 6.71 -16.01
CA THR A 209 -7.78 7.73 -16.54
C THR A 209 -6.59 7.95 -15.62
N ASN A 210 -6.67 7.39 -14.41
CA ASN A 210 -5.61 7.41 -13.41
C ASN A 210 -4.88 8.72 -13.11
N GLY A 211 -5.62 9.83 -13.08
CA GLY A 211 -5.01 11.13 -12.80
C GLY A 211 -4.64 11.43 -11.35
N ARG A 212 -5.03 10.56 -10.43
CA ARG A 212 -4.73 10.76 -9.00
C ARG A 212 -3.67 9.83 -8.44
N LEU A 213 -2.96 9.10 -9.30
CA LEU A 213 -1.90 8.20 -8.85
C LEU A 213 -0.54 8.88 -8.99
N PRO A 214 0.38 8.64 -8.05
CA PRO A 214 1.72 9.27 -8.17
C PRO A 214 2.41 8.73 -9.42
N VAL A 215 2.83 9.65 -10.30
CA VAL A 215 3.45 9.28 -11.56
C VAL A 215 4.71 8.44 -11.49
N LYS A 216 5.59 8.69 -10.51
CA LYS A 216 6.82 7.93 -10.41
C LYS A 216 6.65 6.46 -10.06
N TRP A 217 5.42 6.04 -9.78
CA TRP A 217 5.15 4.64 -9.44
C TRP A 217 4.20 4.02 -10.46
N MET A 218 3.79 4.79 -11.46
CA MET A 218 2.86 4.33 -12.48
C MET A 218 3.47 3.62 -13.68
N ALA A 219 2.74 2.60 -14.13
CA ALA A 219 3.12 1.80 -15.28
C ALA A 219 2.67 2.59 -16.51
N PRO A 220 3.37 2.43 -17.64
CA PRO A 220 3.06 3.12 -18.89
C PRO A 220 1.62 3.01 -19.39
N GLU A 221 1.01 1.83 -19.26
CA GLU A 221 -0.37 1.63 -19.72
C GLU A 221 -1.33 2.40 -18.83
N ALA A 222 -0.90 2.62 -17.59
CA ALA A 222 -1.68 3.34 -16.60
C ALA A 222 -1.67 4.83 -16.94
N LEU A 223 -0.50 5.31 -17.31
CA LEU A 223 -0.29 6.71 -17.67
C LEU A 223 -0.84 7.13 -19.01
N PHE A 224 -0.81 6.23 -19.98
CA PHE A 224 -1.23 6.58 -21.33
C PHE A 224 -2.40 5.84 -21.92
N ASP A 225 -2.65 4.60 -21.50
CA ASP A 225 -3.70 3.83 -22.13
C ASP A 225 -5.06 3.63 -21.48
N ARG A 226 -5.30 4.35 -20.37
CA ARG A 226 -6.58 4.27 -19.69
C ARG A 226 -6.99 2.88 -19.24
N VAL A 227 -6.02 2.14 -18.70
CA VAL A 227 -6.25 0.79 -18.16
C VAL A 227 -5.40 0.59 -16.90
N TYR A 228 -5.76 -0.41 -16.10
CA TYR A 228 -5.00 -0.74 -14.89
C TYR A 228 -5.31 -2.19 -14.58
N THR A 229 -4.26 -3.00 -14.46
CA THR A 229 -4.44 -4.43 -14.17
C THR A 229 -3.46 -4.81 -13.08
N HIS A 230 -3.43 -6.11 -12.79
CA HIS A 230 -2.52 -6.64 -11.79
C HIS A 230 -1.09 -6.44 -12.27
N GLN A 231 -0.89 -6.52 -13.59
CA GLN A 231 0.44 -6.33 -14.17
C GLN A 231 0.92 -4.91 -13.95
N SER A 232 -0.02 -3.98 -13.83
CA SER A 232 0.32 -2.57 -13.60
C SER A 232 0.85 -2.42 -12.19
N ASP A 233 0.30 -3.20 -11.26
CA ASP A 233 0.73 -3.20 -9.86
C ASP A 233 2.13 -3.82 -9.71
N VAL A 234 2.48 -4.79 -10.55
CA VAL A 234 3.80 -5.41 -10.46
C VAL A 234 4.85 -4.37 -10.82
N TRP A 235 4.52 -3.47 -11.74
CA TRP A 235 5.44 -2.42 -12.14
C TRP A 235 5.74 -1.59 -10.90
N SER A 236 4.69 -1.15 -10.22
CA SER A 236 4.79 -0.32 -9.01
C SER A 236 5.57 -1.06 -7.95
N PHE A 237 5.35 -2.36 -7.86
CA PHE A 237 6.06 -3.20 -6.90
C PHE A 237 7.56 -3.11 -7.22
N GLY A 238 7.87 -3.08 -8.52
CA GLY A 238 9.25 -2.97 -8.99
C GLY A 238 9.88 -1.70 -8.44
N VAL A 239 9.12 -0.61 -8.46
CA VAL A 239 9.59 0.66 -7.92
C VAL A 239 9.68 0.58 -6.40
N LEU A 240 8.80 -0.21 -5.78
CA LEU A 240 8.81 -0.37 -4.34
C LEU A 240 10.12 -1.07 -3.90
N MET A 241 10.54 -2.05 -4.69
CA MET A 241 11.78 -2.77 -4.40
C MET A 241 12.97 -1.80 -4.45
N TRP A 242 12.98 -0.92 -5.44
CA TRP A 242 14.03 0.06 -5.57
C TRP A 242 14.11 0.93 -4.32
N GLU A 243 12.95 1.36 -3.82
CA GLU A 243 12.88 2.19 -2.61
C GLU A 243 13.48 1.45 -1.43
N ILE A 244 13.19 0.16 -1.35
CA ILE A 244 13.71 -0.66 -0.26
C ILE A 244 15.23 -0.81 -0.32
N PHE A 245 15.74 -1.21 -1.49
CA PHE A 245 17.16 -1.41 -1.66
C PHE A 245 18.02 -0.16 -1.72
N THR A 246 17.39 1.01 -1.62
CA THR A 246 18.09 2.29 -1.59
C THR A 246 17.87 2.91 -0.21
N LEU A 247 17.21 2.14 0.67
CA LEU A 247 16.89 2.55 2.03
C LEU A 247 16.03 3.81 2.08
N GLY A 248 14.89 3.75 1.39
CA GLY A 248 13.99 4.89 1.34
C GLY A 248 14.43 5.97 0.38
N GLY A 249 14.98 5.54 -0.75
CA GLY A 249 15.42 6.50 -1.75
C GLY A 249 14.24 6.93 -2.61
N SER A 250 14.34 8.13 -3.18
CA SER A 250 13.27 8.67 -4.03
C SER A 250 13.50 8.25 -5.48
N PRO A 251 12.52 7.55 -6.08
CA PRO A 251 12.60 7.08 -7.47
C PRO A 251 12.96 8.17 -8.48
N TYR A 252 13.69 7.76 -9.52
CA TYR A 252 14.16 8.65 -10.59
C TYR A 252 14.85 9.88 -10.03
N PRO A 253 15.88 9.66 -9.18
CA PRO A 253 16.62 10.78 -8.56
C PRO A 253 17.14 11.78 -9.57
N GLY A 254 16.88 13.05 -9.32
CA GLY A 254 17.33 14.11 -10.21
C GLY A 254 16.43 14.34 -11.41
N ILE A 255 15.45 13.46 -11.60
CA ILE A 255 14.50 13.58 -12.70
C ILE A 255 13.13 14.03 -12.20
N PRO A 256 12.69 15.25 -12.57
CA PRO A 256 11.39 15.78 -12.16
C PRO A 256 10.26 15.02 -12.84
N VAL A 257 9.12 14.89 -12.15
CA VAL A 257 7.96 14.17 -12.69
C VAL A 257 7.56 14.67 -14.07
N GLU A 258 7.69 15.98 -14.30
CA GLU A 258 7.32 16.62 -15.56
C GLU A 258 8.07 16.16 -16.81
N GLU A 259 9.27 15.61 -16.66
CA GLU A 259 10.00 15.15 -17.83
C GLU A 259 9.96 13.63 -17.93
N LEU A 260 9.40 12.99 -16.92
CA LEU A 260 9.29 11.54 -16.88
C LEU A 260 8.36 10.98 -17.94
N PHE A 261 7.42 11.80 -18.42
CA PHE A 261 6.46 11.36 -19.43
C PHE A 261 7.13 10.93 -20.73
N LYS A 262 8.10 11.73 -21.19
CA LYS A 262 8.82 11.42 -22.41
C LYS A 262 9.89 10.37 -22.19
N LEU A 263 10.54 10.41 -21.03
CA LEU A 263 11.59 9.46 -20.71
C LEU A 263 11.05 8.03 -20.66
N LEU A 264 9.89 7.86 -20.08
CA LEU A 264 9.29 6.54 -19.95
C LEU A 264 9.02 5.94 -21.34
N LYS A 265 8.66 6.79 -22.29
CA LYS A 265 8.39 6.36 -23.65
C LYS A 265 9.69 5.95 -24.34
N GLU A 266 10.75 6.71 -24.08
CA GLU A 266 12.08 6.46 -24.65
C GLU A 266 12.65 5.11 -24.22
N GLY A 267 12.08 4.53 -23.16
CA GLY A 267 12.57 3.25 -22.66
C GLY A 267 13.49 3.39 -21.46
N HIS A 268 13.56 4.60 -20.91
CA HIS A 268 14.40 4.88 -19.75
C HIS A 268 13.90 4.11 -18.52
N ARG A 269 14.85 3.60 -17.74
CA ARG A 269 14.58 2.84 -16.53
C ARG A 269 15.63 3.22 -15.50
N MET A 270 15.40 2.90 -14.23
CA MET A 270 16.37 3.20 -13.17
C MET A 270 17.49 2.16 -13.19
N ASP A 271 18.67 2.53 -12.69
CA ASP A 271 19.79 1.60 -12.65
C ASP A 271 19.97 0.95 -11.28
N LYS A 272 20.79 -0.10 -11.24
CA LYS A 272 21.05 -0.87 -10.02
C LYS A 272 21.63 -0.07 -8.86
N PRO A 273 21.01 -0.22 -7.67
CA PRO A 273 21.42 0.45 -6.45
C PRO A 273 22.62 -0.28 -5.85
N ALA A 274 23.66 0.46 -5.48
CA ALA A 274 24.84 -0.13 -4.87
C ALA A 274 24.40 -0.63 -3.51
N ASN A 275 24.16 -1.94 -3.45
CA ASN A 275 23.69 -2.68 -2.27
C ASN A 275 22.50 -3.50 -2.75
N CYS A 276 22.70 -4.21 -3.85
CA CYS A 276 21.65 -5.02 -4.43
C CYS A 276 22.24 -6.09 -5.33
N THR A 277 21.81 -7.33 -5.09
CA THR A 277 22.25 -8.49 -5.85
C THR A 277 21.86 -8.33 -7.32
N ASN A 278 22.74 -8.81 -8.20
CA ASN A 278 22.52 -8.73 -9.63
C ASN A 278 21.28 -9.54 -10.05
N GLU A 279 20.82 -10.41 -9.15
CA GLU A 279 19.63 -11.23 -9.41
C GLU A 279 18.39 -10.42 -9.06
N LEU A 280 18.54 -9.52 -8.09
CA LEU A 280 17.46 -8.64 -7.65
C LEU A 280 17.14 -7.62 -8.71
N TYR A 281 18.16 -6.93 -9.21
CA TYR A 281 18.00 -5.90 -10.24
C TYR A 281 17.31 -6.46 -11.48
N MET A 282 17.52 -7.74 -11.76
CA MET A 282 16.90 -8.37 -12.91
C MET A 282 15.41 -8.57 -12.65
N MET A 283 15.04 -8.73 -11.38
CA MET A 283 13.64 -8.89 -11.00
C MET A 283 12.96 -7.54 -11.19
N MET A 284 13.64 -6.48 -10.75
CA MET A 284 13.12 -5.12 -10.91
C MET A 284 12.90 -4.88 -12.39
N ARG A 285 13.97 -4.99 -13.16
CA ARG A 285 13.96 -4.80 -14.61
C ARG A 285 12.89 -5.64 -15.31
N ASP A 286 12.50 -6.74 -14.68
CA ASP A 286 11.49 -7.63 -15.22
C ASP A 286 10.08 -7.08 -14.97
N CYS A 287 9.92 -6.36 -13.85
CA CYS A 287 8.63 -5.73 -13.52
C CYS A 287 8.43 -4.52 -14.42
N TRP A 288 9.54 -4.04 -14.98
CA TRP A 288 9.55 -2.87 -15.85
C TRP A 288 9.56 -3.11 -17.37
N HIS A 289 9.02 -4.24 -17.81
CA HIS A 289 8.94 -4.50 -19.25
C HIS A 289 7.74 -3.74 -19.78
N ALA A 290 7.94 -2.96 -20.84
CA ALA A 290 6.88 -2.17 -21.44
C ALA A 290 5.60 -2.98 -21.69
N VAL A 291 5.76 -4.24 -22.11
CA VAL A 291 4.61 -5.11 -22.38
C VAL A 291 4.18 -5.77 -21.06
N PRO A 292 2.93 -5.53 -20.63
CA PRO A 292 2.38 -6.07 -19.39
C PRO A 292 2.46 -7.58 -19.22
N SER A 293 2.18 -8.33 -20.30
CA SER A 293 2.21 -9.80 -20.26
C SER A 293 3.61 -10.39 -20.06
N GLN A 294 4.64 -9.61 -20.38
CA GLN A 294 6.03 -10.04 -20.23
C GLN A 294 6.58 -9.84 -18.82
N ARG A 295 5.79 -9.21 -17.96
CA ARG A 295 6.19 -8.97 -16.58
C ARG A 295 5.80 -10.20 -15.76
N PRO A 296 6.48 -10.42 -14.63
CA PRO A 296 6.16 -11.56 -13.79
C PRO A 296 4.88 -11.36 -12.99
N THR A 297 4.16 -12.45 -12.71
CA THR A 297 2.93 -12.38 -11.92
C THR A 297 3.37 -12.31 -10.47
N PHE A 298 2.44 -11.98 -9.57
CA PHE A 298 2.79 -11.90 -8.16
C PHE A 298 3.14 -13.27 -7.59
N LYS A 299 2.56 -14.33 -8.15
CA LYS A 299 2.84 -15.70 -7.68
C LYS A 299 4.30 -16.05 -7.99
N GLN A 300 4.77 -15.62 -9.17
CA GLN A 300 6.15 -15.85 -9.59
C GLN A 300 7.11 -15.13 -8.65
N LEU A 301 6.82 -13.86 -8.36
CA LEU A 301 7.67 -13.07 -7.47
C LEU A 301 7.73 -13.72 -6.09
N VAL A 302 6.70 -14.50 -5.77
CA VAL A 302 6.64 -15.20 -4.49
C VAL A 302 7.63 -16.36 -4.49
N GLU A 303 7.54 -17.23 -5.49
CA GLU A 303 8.43 -18.40 -5.63
C GLU A 303 9.92 -18.02 -5.71
N ASP A 304 10.23 -17.09 -6.61
CA ASP A 304 11.60 -16.62 -6.84
C ASP A 304 12.19 -15.90 -5.64
N LEU A 305 11.38 -15.10 -4.97
CA LEU A 305 11.85 -14.37 -3.80
C LEU A 305 12.08 -15.32 -2.64
N ASP A 306 11.25 -16.36 -2.56
CA ASP A 306 11.35 -17.36 -1.52
C ASP A 306 12.67 -18.13 -1.64
N ARG A 307 13.07 -18.37 -2.90
CA ARG A 307 14.31 -19.07 -3.20
C ARG A 307 15.53 -18.30 -2.68
N ILE A 308 15.63 -17.05 -3.09
CA ILE A 308 16.73 -16.18 -2.70
C ILE A 308 16.90 -16.05 -1.19
N LEU A 309 15.79 -16.03 -0.45
CA LEU A 309 15.84 -15.90 1.01
C LEU A 309 16.53 -17.10 1.64
N THR A 310 16.16 -18.29 1.18
CA THR A 310 16.73 -19.54 1.69
C THR A 310 18.24 -19.58 1.47
N LEU A 311 18.69 -18.98 0.37
CA LEU A 311 20.10 -18.93 0.03
C LEU A 311 20.79 -17.66 0.54
N THR A 312 20.19 -17.02 1.54
CA THR A 312 20.76 -15.80 2.13
C THR A 312 21.10 -16.08 3.59
N THR A 313 20.28 -16.75 4.26
#